data_3SFJ
#
_entry.id   3SFJ
#
_cell.length_a   26.970
_cell.length_b   34.088
_cell.length_c   66.861
_cell.angle_alpha   79.64
_cell.angle_beta   87.15
_cell.angle_gamma   89.97
#
_symmetry.space_group_name_H-M   'P 1'
#
loop_
_entity.id
_entity.type
_entity.pdbx_description
1 polymer 'Tax1-binding protein 3'
2 polymer 'decameric peptide iCAL36'
3 water water
#
loop_
_entity_poly.entity_id
_entity_poly.type
_entity_poly.pdbx_seq_one_letter_code
_entity_poly.pdbx_strand_id
1 'polypeptide(L)'
;VTAVVQRVEIHKLRQGENLILGFSIGGGIDQDPSQNPFSEDKTDKGIYVTRVSEGGPAEIAGLQIGDKIMQVNGWDMTMV
THDQARKRLTKRSEEVVRLLVTRQ
;
A,C
2 'polypeptide(L)' ANSRWPTSII B,D
#
# COMPACT_ATOMS: atom_id res chain seq x y z
N THR A 2 -20.85 -5.36 9.72
CA THR A 2 -20.84 -6.40 8.71
C THR A 2 -19.46 -6.46 8.04
N ALA A 3 -19.34 -7.26 6.98
CA ALA A 3 -18.08 -7.40 6.28
C ALA A 3 -18.08 -6.63 4.96
N VAL A 4 -16.92 -6.05 4.62
CA VAL A 4 -16.76 -5.32 3.38
C VAL A 4 -15.73 -6.05 2.52
N VAL A 5 -16.00 -6.15 1.23
CA VAL A 5 -15.12 -6.85 0.30
C VAL A 5 -13.99 -5.93 -0.12
N GLN A 6 -12.76 -6.43 -0.07
CA GLN A 6 -11.60 -5.69 -0.53
C GLN A 6 -10.83 -6.56 -1.51
N ARG A 7 -10.19 -5.93 -2.48
CA ARG A 7 -9.39 -6.65 -3.45
C ARG A 7 -8.01 -6.04 -3.42
N VAL A 8 -7.02 -6.85 -3.09
CA VAL A 8 -5.67 -6.31 -3.02
C VAL A 8 -4.77 -7.04 -4.01
N GLU A 9 -3.72 -6.37 -4.41
CA GLU A 9 -2.82 -6.91 -5.42
C GLU A 9 -1.42 -6.84 -4.83
N ILE A 10 -0.88 -7.99 -4.44
CA ILE A 10 0.41 -8.04 -3.77
C ILE A 10 1.52 -8.40 -4.77
N HIS A 11 2.57 -7.59 -4.77
CA HIS A 11 3.75 -7.89 -5.56
C HIS A 11 4.81 -8.44 -4.63
N LYS A 12 5.10 -9.73 -4.76
CA LYS A 12 6.01 -10.39 -3.83
C LYS A 12 7.40 -9.73 -3.84
N LEU A 13 8.09 -9.79 -2.71
CA LEU A 13 9.44 -9.27 -2.55
C LEU A 13 10.46 -10.38 -2.50
N ARG A 14 11.50 -10.27 -3.31
N ARG A 14 11.49 -10.27 -3.32
CA ARG A 14 12.58 -11.25 -3.28
CA ARG A 14 12.56 -11.26 -3.26
C ARG A 14 13.40 -11.09 -2.01
C ARG A 14 13.38 -11.09 -1.99
N GLN A 15 13.54 -12.18 -1.26
CA GLN A 15 14.42 -12.21 -0.10
C GLN A 15 15.25 -13.46 -0.29
N GLY A 16 16.45 -13.30 -0.82
CA GLY A 16 17.27 -14.44 -1.19
C GLY A 16 16.59 -15.25 -2.27
N GLU A 17 16.44 -16.54 -2.03
CA GLU A 17 15.86 -17.46 -3.01
C GLU A 17 14.33 -17.41 -3.05
N ASN A 18 13.73 -16.83 -2.01
CA ASN A 18 12.29 -16.86 -1.85
C ASN A 18 11.60 -15.57 -2.30
N LEU A 19 10.33 -15.70 -2.68
CA LEU A 19 9.45 -14.55 -2.93
C LEU A 19 8.46 -14.50 -1.80
N ILE A 20 8.44 -13.42 -1.07
CA ILE A 20 7.66 -13.38 0.15
C ILE A 20 6.57 -12.33 0.06
N LEU A 21 5.54 -12.53 0.87
CA LEU A 21 4.36 -11.70 0.83
C LEU A 21 4.28 -10.76 2.03
N GLY A 22 4.98 -11.09 3.10
CA GLY A 22 4.96 -10.21 4.26
C GLY A 22 3.72 -10.30 5.14
N PHE A 23 3.13 -11.49 5.27
CA PHE A 23 2.07 -11.65 6.25
C PHE A 23 2.02 -13.08 6.72
N SER A 24 1.17 -13.34 7.72
CA SER A 24 0.98 -14.67 8.24
C SER A 24 -0.50 -15.06 8.19
N ILE A 25 -0.76 -16.36 8.12
CA ILE A 25 -2.11 -16.88 8.08
C ILE A 25 -2.37 -17.90 9.16
N GLY A 26 -3.62 -17.95 9.60
CA GLY A 26 -4.15 -19.01 10.44
C GLY A 26 -5.42 -19.56 9.83
N GLY A 27 -5.83 -20.75 10.27
CA GLY A 27 -7.11 -21.30 9.84
C GLY A 27 -6.98 -22.43 8.83
N GLY A 28 -8.12 -22.82 8.26
CA GLY A 28 -8.17 -23.93 7.33
C GLY A 28 -9.07 -25.03 7.86
N ILE A 29 -9.58 -25.85 6.95
CA ILE A 29 -10.62 -26.81 7.32
C ILE A 29 -10.11 -27.90 8.27
N ASP A 30 -8.79 -28.03 8.38
CA ASP A 30 -8.19 -29.03 9.26
C ASP A 30 -7.86 -28.48 10.64
N GLN A 31 -8.20 -27.21 10.88
CA GLN A 31 -7.88 -26.57 12.15
C GLN A 31 -9.13 -26.38 13.00
N ASP A 32 -8.95 -26.08 14.28
CA ASP A 32 -10.04 -25.83 15.21
C ASP A 32 -10.53 -24.38 15.10
N PRO A 33 -11.71 -24.16 14.49
CA PRO A 33 -12.12 -22.77 14.27
C PRO A 33 -12.43 -22.00 15.55
N SER A 34 -12.68 -22.70 16.65
CA SER A 34 -12.99 -22.02 17.90
C SER A 34 -11.77 -21.30 18.48
N GLN A 35 -10.60 -21.60 17.92
CA GLN A 35 -9.33 -21.00 18.37
C GLN A 35 -8.97 -19.72 17.61
N ASN A 36 -9.73 -19.41 16.58
CA ASN A 36 -9.46 -18.24 15.75
C ASN A 36 -9.94 -16.98 16.47
N PRO A 37 -9.01 -16.08 16.84
CA PRO A 37 -9.43 -14.89 17.58
C PRO A 37 -10.04 -13.78 16.70
N PHE A 38 -9.95 -13.93 15.37
CA PHE A 38 -10.31 -12.85 14.45
C PHE A 38 -11.70 -12.97 13.86
N SER A 39 -12.24 -14.19 13.81
CA SER A 39 -13.50 -14.44 13.13
C SER A 39 -14.71 -14.00 13.95
N GLU A 40 -15.74 -13.53 13.26
CA GLU A 40 -16.98 -13.16 13.93
C GLU A 40 -17.74 -14.41 14.40
N ASP A 41 -17.73 -15.42 13.55
CA ASP A 41 -18.42 -16.68 13.78
C ASP A 41 -17.37 -17.76 14.01
N LYS A 42 -17.38 -18.35 15.20
CA LYS A 42 -16.33 -19.30 15.57
C LYS A 42 -16.48 -20.68 14.93
N THR A 43 -17.46 -20.85 14.06
CA THR A 43 -17.51 -22.04 13.22
C THR A 43 -16.83 -21.82 11.86
N ASP A 44 -16.32 -20.61 11.63
CA ASP A 44 -15.68 -20.24 10.36
C ASP A 44 -14.32 -20.90 10.26
N LYS A 45 -14.17 -21.84 9.33
CA LYS A 45 -12.91 -22.57 9.20
C LYS A 45 -11.97 -21.98 8.17
N GLY A 46 -12.25 -20.76 7.73
CA GLY A 46 -11.50 -20.16 6.66
C GLY A 46 -10.13 -19.65 7.05
N ILE A 47 -9.47 -19.08 6.06
CA ILE A 47 -8.10 -18.59 6.19
C ILE A 47 -8.13 -17.12 6.56
N TYR A 48 -7.43 -16.75 7.63
CA TYR A 48 -7.41 -15.39 8.14
C TYR A 48 -5.98 -14.88 8.20
N VAL A 49 -5.81 -13.59 7.95
CA VAL A 49 -4.55 -12.90 8.14
C VAL A 49 -4.35 -12.65 9.61
N THR A 50 -3.24 -13.14 10.16
CA THR A 50 -3.01 -13.11 11.60
C THR A 50 -1.94 -12.10 11.99
N ARG A 51 -1.18 -11.63 10.99
CA ARG A 51 -0.09 -10.70 11.23
C ARG A 51 0.30 -10.10 9.88
N VAL A 52 0.70 -8.83 9.88
CA VAL A 52 1.17 -8.18 8.68
C VAL A 52 2.48 -7.46 9.00
N SER A 53 3.48 -7.65 8.14
CA SER A 53 4.80 -7.09 8.38
C SER A 53 4.85 -5.61 7.99
N GLU A 54 5.28 -4.78 8.93
CA GLU A 54 5.41 -3.37 8.67
C GLU A 54 6.31 -3.14 7.49
N GLY A 55 5.80 -2.40 6.50
CA GLY A 55 6.58 -2.06 5.34
C GLY A 55 6.68 -3.13 4.27
N GLY A 56 6.06 -4.29 4.49
CA GLY A 56 6.16 -5.38 3.55
C GLY A 56 5.14 -5.32 2.42
N PRO A 57 5.23 -6.26 1.48
CA PRO A 57 4.35 -6.22 0.30
C PRO A 57 2.86 -6.23 0.64
N ALA A 58 2.46 -7.07 1.58
CA ALA A 58 1.05 -7.14 1.95
C ALA A 58 0.56 -5.83 2.55
N GLU A 59 1.37 -5.22 3.43
CA GLU A 59 0.98 -3.96 4.03
C GLU A 59 0.76 -2.89 2.95
N ILE A 60 1.75 -2.79 2.07
CA ILE A 60 1.70 -1.80 1.00
C ILE A 60 0.45 -1.99 0.13
N ALA A 61 0.08 -3.25 -0.10
CA ALA A 61 -1.06 -3.59 -0.94
C ALA A 61 -2.39 -3.31 -0.24
N GLY A 62 -2.38 -3.11 1.07
CA GLY A 62 -3.59 -2.82 1.81
C GLY A 62 -4.16 -3.95 2.65
N LEU A 63 -3.44 -5.05 2.77
CA LEU A 63 -3.91 -6.16 3.60
C LEU A 63 -3.88 -5.76 5.08
N GLN A 64 -4.83 -6.24 5.85
CA GLN A 64 -4.93 -5.89 7.27
C GLN A 64 -5.10 -7.13 8.13
N ILE A 65 -4.54 -7.09 9.34
CA ILE A 65 -4.73 -8.18 10.28
C ILE A 65 -6.22 -8.44 10.47
N GLY A 66 -6.59 -9.70 10.47
CA GLY A 66 -7.98 -10.06 10.63
C GLY A 66 -8.75 -10.27 9.33
N ASP A 67 -8.19 -9.86 8.20
CA ASP A 67 -8.88 -10.05 6.92
C ASP A 67 -9.09 -11.54 6.68
N LYS A 68 -10.26 -11.88 6.13
CA LYS A 68 -10.54 -13.25 5.71
C LYS A 68 -10.22 -13.39 4.23
N ILE A 69 -9.38 -14.36 3.87
CA ILE A 69 -9.01 -14.55 2.46
C ILE A 69 -9.99 -15.48 1.78
N MET A 70 -10.68 -14.96 0.78
CA MET A 70 -11.71 -15.68 0.03
C MET A 70 -11.13 -16.38 -1.20
N GLN A 71 -10.22 -15.71 -1.89
CA GLN A 71 -9.63 -16.24 -3.11
C GLN A 71 -8.22 -15.72 -3.28
N VAL A 72 -7.38 -16.52 -3.94
CA VAL A 72 -6.04 -16.12 -4.37
C VAL A 72 -5.92 -16.39 -5.86
N ASN A 73 -5.70 -15.34 -6.66
CA ASN A 73 -5.65 -15.49 -8.10
C ASN A 73 -6.82 -16.33 -8.64
N GLY A 74 -8.01 -16.10 -8.09
CA GLY A 74 -9.21 -16.77 -8.55
C GLY A 74 -9.44 -18.15 -7.95
N TRP A 75 -8.48 -18.64 -7.18
N TRP A 75 -8.51 -18.58 -7.11
CA TRP A 75 -8.64 -19.94 -6.54
CA TRP A 75 -8.54 -19.90 -6.48
C TRP A 75 -9.36 -19.79 -5.22
C TRP A 75 -9.22 -19.84 -5.12
N ASP A 76 -10.36 -20.63 -4.99
N ASP A 76 -10.31 -20.60 -4.97
CA ASP A 76 -11.10 -20.57 -3.74
CA ASP A 76 -11.12 -20.59 -3.76
C ASP A 76 -10.22 -20.92 -2.54
C ASP A 76 -10.33 -21.00 -2.50
N MET A 77 -10.37 -20.16 -1.47
CA MET A 77 -9.62 -20.39 -0.24
C MET A 77 -10.53 -20.68 0.96
N THR A 78 -11.82 -20.84 0.70
CA THR A 78 -12.79 -20.99 1.79
C THR A 78 -12.89 -22.43 2.31
N MET A 79 -12.50 -23.39 1.49
CA MET A 79 -12.64 -24.79 1.89
C MET A 79 -11.36 -25.59 1.70
N VAL A 80 -10.23 -25.00 2.06
CA VAL A 80 -8.94 -25.64 1.92
C VAL A 80 -8.29 -25.87 3.28
N THR A 81 -7.34 -26.79 3.33
CA THR A 81 -6.56 -27.01 4.54
C THR A 81 -5.58 -25.86 4.72
N HIS A 82 -5.02 -25.76 5.92
CA HIS A 82 -4.02 -24.76 6.20
C HIS A 82 -2.84 -24.84 5.21
N ASP A 83 -2.33 -26.04 5.01
N ASP A 83 -2.33 -26.05 5.01
CA ASP A 83 -1.18 -26.23 4.12
CA ASP A 83 -1.20 -26.26 4.13
C ASP A 83 -1.51 -25.98 2.66
C ASP A 83 -1.54 -25.91 2.68
N GLN A 84 -2.73 -26.29 2.24
CA GLN A 84 -3.17 -25.97 0.89
C GLN A 84 -3.18 -24.47 0.65
N ALA A 85 -3.66 -23.71 1.65
CA ALA A 85 -3.67 -22.25 1.58
C ALA A 85 -2.25 -21.70 1.49
N ARG A 86 -1.37 -22.21 2.34
CA ARG A 86 0.02 -21.78 2.36
C ARG A 86 0.66 -22.00 0.99
N LYS A 87 0.44 -23.17 0.42
CA LYS A 87 1.01 -23.51 -0.88
C LYS A 87 0.48 -22.60 -1.98
N ARG A 88 -0.81 -22.31 -1.97
CA ARG A 88 -1.39 -21.46 -2.99
C ARG A 88 -0.80 -20.07 -2.94
N LEU A 89 -0.46 -19.61 -1.73
CA LEU A 89 0.09 -18.26 -1.57
C LEU A 89 1.55 -18.16 -1.96
N THR A 90 2.25 -19.29 -1.98
CA THR A 90 3.70 -19.28 -2.09
C THR A 90 4.24 -20.02 -3.31
N LYS A 91 3.44 -20.06 -4.38
CA LYS A 91 3.93 -20.63 -5.64
C LYS A 91 5.10 -19.79 -6.16
N ARG A 92 6.24 -20.45 -6.33
CA ARG A 92 7.47 -19.76 -6.71
C ARG A 92 7.39 -19.08 -8.08
N SER A 93 6.50 -19.57 -8.92
CA SER A 93 6.36 -19.05 -10.28
C SER A 93 5.50 -17.78 -10.32
N GLU A 94 4.83 -17.46 -9.23
CA GLU A 94 3.91 -16.32 -9.20
C GLU A 94 4.47 -15.14 -8.41
N GLU A 95 4.78 -14.05 -9.10
N GLU A 95 4.74 -14.04 -9.09
CA GLU A 95 5.27 -12.83 -8.45
CA GLU A 95 5.28 -12.86 -8.45
C GLU A 95 4.12 -11.95 -7.96
C GLU A 95 4.18 -11.86 -8.07
N VAL A 96 3.01 -11.98 -8.70
CA VAL A 96 1.87 -11.15 -8.37
C VAL A 96 0.69 -12.03 -7.95
N VAL A 97 0.13 -11.75 -6.78
CA VAL A 97 -1.06 -12.46 -6.35
C VAL A 97 -2.15 -11.48 -5.94
N ARG A 98 -3.33 -11.72 -6.47
CA ARG A 98 -4.49 -10.92 -6.14
C ARG A 98 -5.33 -11.66 -5.12
N LEU A 99 -5.62 -11.00 -4.00
CA LEU A 99 -6.43 -11.58 -2.96
C LEU A 99 -7.77 -10.90 -2.90
N LEU A 100 -8.80 -11.72 -2.85
CA LEU A 100 -10.15 -11.25 -2.55
C LEU A 100 -10.35 -11.51 -1.07
N VAL A 101 -10.63 -10.47 -0.31
CA VAL A 101 -10.79 -10.61 1.14
C VAL A 101 -12.06 -9.96 1.64
N THR A 102 -12.51 -10.35 2.83
CA THR A 102 -13.53 -9.58 3.52
C THR A 102 -12.96 -9.06 4.84
N ARG A 103 -13.43 -7.88 5.23
CA ARG A 103 -12.90 -7.15 6.36
C ARG A 103 -14.08 -6.64 7.18
N GLN A 104 -14.04 -6.89 8.49
N GLN A 104 -14.01 -6.87 8.49
CA GLN A 104 -15.14 -6.52 9.36
CA GLN A 104 -15.10 -6.48 9.39
C GLN A 104 -15.13 -5.02 9.66
C GLN A 104 -15.05 -4.99 9.71
N ALA B 1 1.32 -16.62 20.82
CA ALA B 1 0.95 -17.70 19.91
C ALA B 1 0.07 -18.73 20.61
N ASN B 2 -0.61 -19.55 19.81
CA ASN B 2 -1.51 -20.58 20.31
C ASN B 2 -1.13 -21.94 19.75
N SER B 3 -0.68 -22.84 20.62
CA SER B 3 -0.21 -24.16 20.17
C SER B 3 -1.31 -24.97 19.48
N ARG B 4 -2.56 -24.65 19.78
N ARG B 4 -2.56 -24.67 19.76
CA ARG B 4 -3.71 -25.35 19.20
CA ARG B 4 -3.66 -25.42 19.14
C ARG B 4 -4.25 -24.62 17.97
C ARG B 4 -4.09 -24.79 17.82
N TRP B 5 -3.52 -23.64 17.47
CA TRP B 5 -3.93 -22.91 16.28
C TRP B 5 -2.69 -22.34 15.59
N PRO B 6 -2.06 -23.16 14.75
CA PRO B 6 -0.80 -22.76 14.11
C PRO B 6 -0.98 -21.63 13.12
N THR B 7 0.04 -20.79 13.02
CA THR B 7 0.08 -19.79 11.94
C THR B 7 1.33 -20.00 11.09
N SER B 8 1.28 -19.54 9.85
CA SER B 8 2.38 -19.68 8.91
C SER B 8 2.76 -18.34 8.33
N ILE B 9 4.07 -18.11 8.25
CA ILE B 9 4.64 -16.92 7.65
C ILE B 9 4.79 -17.17 6.15
N ILE B 10 4.28 -16.25 5.33
CA ILE B 10 4.43 -16.37 3.88
C ILE B 10 4.90 -15.08 3.23
N VAL C 1 17.12 28.59 4.42
CA VAL C 1 17.76 28.58 5.73
C VAL C 1 18.17 27.16 6.14
N THR C 2 17.19 26.33 6.46
CA THR C 2 17.43 24.94 6.81
C THR C 2 16.17 24.10 6.65
N ALA C 3 16.29 22.99 5.95
CA ALA C 3 15.17 22.09 5.74
C ALA C 3 15.21 20.99 6.78
N VAL C 4 14.02 20.55 7.21
CA VAL C 4 13.91 19.43 8.14
C VAL C 4 13.30 18.24 7.42
N VAL C 5 13.84 17.06 7.65
CA VAL C 5 13.36 15.83 7.04
C VAL C 5 12.12 15.31 7.78
N GLN C 6 11.08 14.98 7.03
CA GLN C 6 9.90 14.39 7.62
C GLN C 6 9.58 13.11 6.87
N ARG C 7 9.04 12.14 7.58
CA ARG C 7 8.62 10.90 6.97
C ARG C 7 7.16 10.70 7.23
N VAL C 8 6.37 10.59 6.17
CA VAL C 8 4.94 10.41 6.40
C VAL C 8 4.45 9.14 5.75
N GLU C 9 3.39 8.62 6.30
CA GLU C 9 2.86 7.34 5.87
C GLU C 9 1.40 7.58 5.55
N ILE C 10 1.09 7.60 4.25
CA ILE C 10 -0.26 7.89 3.80
C ILE C 10 -1.02 6.62 3.47
N HIS C 11 -2.22 6.51 4.03
CA HIS C 11 -3.13 5.42 3.71
C HIS C 11 -4.19 5.95 2.78
N LYS C 12 -4.13 5.52 1.52
CA LYS C 12 -5.02 6.07 0.51
C LYS C 12 -6.49 5.83 0.85
N LEU C 13 -7.36 6.70 0.37
CA LEU C 13 -8.80 6.62 0.59
C LEU C 13 -9.50 6.24 -0.69
N ARG C 14 -10.35 5.22 -0.61
N ARG C 14 -10.35 5.22 -0.61
CA ARG C 14 -11.11 4.84 -1.79
CA ARG C 14 -11.13 4.85 -1.77
C ARG C 14 -12.19 5.88 -2.09
C ARG C 14 -12.18 5.91 -2.08
N GLN C 15 -12.18 6.38 -3.32
CA GLN C 15 -13.23 7.25 -3.80
C GLN C 15 -13.69 6.66 -5.12
N GLY C 16 -14.76 5.87 -5.09
CA GLY C 16 -15.18 5.14 -6.27
C GLY C 16 -14.14 4.08 -6.62
N GLU C 17 -13.72 4.06 -7.87
CA GLU C 17 -12.76 3.06 -8.34
C GLU C 17 -11.31 3.46 -8.09
N ASN C 18 -11.12 4.68 -7.60
CA ASN C 18 -9.76 5.20 -7.37
C ASN C 18 -9.34 5.20 -5.90
N LEU C 19 -8.03 5.11 -5.67
CA LEU C 19 -7.42 5.31 -4.36
C LEU C 19 -6.73 6.65 -4.37
N ILE C 20 -7.15 7.56 -3.50
CA ILE C 20 -6.64 8.91 -3.58
C ILE C 20 -5.85 9.28 -2.35
N LEU C 21 -4.99 10.27 -2.54
CA LEU C 21 -4.05 10.66 -1.51
C LEU C 21 -4.45 11.98 -0.87
N GLY C 22 -5.24 12.78 -1.57
CA GLY C 22 -5.69 14.04 -1.00
C GLY C 22 -4.67 15.17 -1.04
N PHE C 23 -3.84 15.24 -2.09
CA PHE C 23 -2.97 16.40 -2.25
C PHE C 23 -2.67 16.61 -3.71
N SER C 24 -2.01 17.72 -4.00
CA SER C 24 -1.62 18.05 -5.36
C SER C 24 -0.12 18.30 -5.43
N ILE C 25 0.47 18.04 -6.60
CA ILE C 25 1.89 18.24 -6.82
C ILE C 25 2.17 19.15 -8.01
N GLY C 26 3.29 19.86 -7.91
CA GLY C 26 3.87 20.60 -9.02
C GLY C 26 5.33 20.24 -9.16
N GLY C 27 5.91 20.56 -10.31
CA GLY C 27 7.33 20.35 -10.53
C GLY C 27 7.66 19.17 -11.41
N GLY C 28 8.95 18.84 -11.47
CA GLY C 28 9.43 17.78 -12.34
C GLY C 28 10.46 18.31 -13.32
N ILE C 29 11.33 17.43 -13.83
CA ILE C 29 12.44 17.87 -14.65
C ILE C 29 12.01 18.43 -16.00
N ASP C 30 10.76 18.19 -16.37
CA ASP C 30 10.24 18.67 -17.64
C ASP C 30 9.49 19.99 -17.49
N GLN C 31 9.44 20.52 -16.27
CA GLN C 31 8.69 21.74 -15.99
C GLN C 31 9.62 22.94 -15.77
N ASP C 32 9.04 24.13 -15.77
CA ASP C 32 9.80 25.37 -15.62
C ASP C 32 9.96 25.67 -14.13
N PRO C 33 11.18 25.44 -13.58
CA PRO C 33 11.33 25.59 -12.13
C PRO C 33 11.21 27.03 -11.66
N SER C 34 11.30 28.00 -12.58
CA SER C 34 11.19 29.40 -12.17
C SER C 34 9.78 29.72 -11.70
N GLN C 35 8.83 28.85 -12.03
CA GLN C 35 7.42 29.08 -11.74
C GLN C 35 6.94 28.42 -10.44
N ASN C 36 7.84 27.74 -9.75
CA ASN C 36 7.51 27.07 -8.49
C ASN C 36 7.58 28.10 -7.36
N PRO C 37 6.44 28.39 -6.72
CA PRO C 37 6.45 29.42 -5.68
C PRO C 37 6.99 28.94 -4.34
N PHE C 38 7.26 27.65 -4.21
CA PHE C 38 7.59 27.05 -2.92
C PHE C 38 9.08 26.79 -2.72
N SER C 39 9.83 26.68 -3.80
CA SER C 39 11.25 26.32 -3.73
C SER C 39 12.11 27.50 -3.31
N GLU C 40 13.28 27.20 -2.74
CA GLU C 40 14.23 28.24 -2.38
C GLU C 40 15.11 28.60 -3.57
N ASP C 41 15.46 27.59 -4.36
CA ASP C 41 16.32 27.75 -5.52
C ASP C 41 15.45 27.57 -6.78
N LYS C 42 15.37 28.60 -7.61
CA LYS C 42 14.46 28.57 -8.75
C LYS C 42 14.96 27.76 -9.94
N THR C 43 16.04 27.01 -9.73
CA THR C 43 16.46 25.99 -10.69
C THR C 43 16.12 24.59 -10.19
N ASP C 44 15.50 24.51 -9.00
CA ASP C 44 15.14 23.25 -8.38
C ASP C 44 13.97 22.63 -9.13
N LYS C 45 14.19 21.49 -9.75
CA LYS C 45 13.17 20.87 -10.60
C LYS C 45 12.40 19.75 -9.90
N GLY C 46 12.52 19.70 -8.58
CA GLY C 46 11.87 18.66 -7.81
C GLY C 46 10.35 18.77 -7.71
N ILE C 47 9.79 17.75 -7.07
CA ILE C 47 8.35 17.63 -6.91
C ILE C 47 7.96 18.24 -5.58
N TYR C 48 7.02 19.17 -5.60
CA TYR C 48 6.56 19.85 -4.40
C TYR C 48 5.06 19.66 -4.22
N VAL C 49 4.64 19.61 -2.97
CA VAL C 49 3.23 19.57 -2.60
C VAL C 49 2.68 20.97 -2.73
N THR C 50 1.65 21.13 -3.55
CA THR C 50 1.12 22.46 -3.86
C THR C 50 -0.22 22.77 -3.18
N ARG C 51 -0.84 21.74 -2.63
CA ARG C 51 -2.17 21.87 -2.02
C ARG C 51 -2.40 20.59 -1.25
N VAL C 52 -3.08 20.70 -0.11
CA VAL C 52 -3.45 19.56 0.69
C VAL C 52 -4.94 19.65 1.03
N SER C 53 -5.67 18.57 0.83
CA SER C 53 -7.12 18.58 1.05
C SER C 53 -7.44 18.44 2.54
N GLU C 54 -8.22 19.37 3.10
CA GLU C 54 -8.63 19.34 4.51
C GLU C 54 -9.32 18.04 4.75
N GLY C 55 -8.86 17.31 5.75
CA GLY C 55 -9.45 16.06 6.19
C GLY C 55 -9.02 14.85 5.40
N GLY C 56 -8.19 15.04 4.37
CA GLY C 56 -7.82 13.93 3.51
C GLY C 56 -6.65 13.11 4.04
N PRO C 57 -6.32 12.03 3.34
CA PRO C 57 -5.27 11.13 3.84
C PRO C 57 -3.92 11.81 4.05
N ALA C 58 -3.52 12.67 3.12
CA ALA C 58 -2.23 13.36 3.24
C ALA C 58 -2.20 14.29 4.44
N GLU C 59 -3.28 15.04 4.66
CA GLU C 59 -3.33 15.93 5.81
C GLU C 59 -3.20 15.15 7.11
N ILE C 60 -3.96 14.06 7.21
CA ILE C 60 -3.94 13.23 8.41
C ILE C 60 -2.56 12.67 8.68
N ALA C 61 -1.87 12.30 7.62
CA ALA C 61 -0.51 11.76 7.70
C ALA C 61 0.54 12.80 8.06
N GLY C 62 0.20 14.08 7.94
CA GLY C 62 1.15 15.13 8.29
C GLY C 62 1.80 15.88 7.13
N LEU C 63 1.36 15.63 5.90
CA LEU C 63 1.91 16.34 4.75
C LEU C 63 1.47 17.81 4.78
N GLN C 64 2.34 18.70 4.33
CA GLN C 64 2.06 20.14 4.35
C GLN C 64 2.37 20.77 3.00
N ILE C 65 1.59 21.79 2.65
CA ILE C 65 1.85 22.56 1.45
C ILE C 65 3.29 23.06 1.47
N GLY C 66 3.95 22.95 0.32
CA GLY C 66 5.33 23.35 0.20
C GLY C 66 6.38 22.26 0.44
N ASP C 67 5.97 21.13 0.99
CA ASP C 67 6.92 20.04 1.22
C ASP C 67 7.53 19.60 -0.11
N LYS C 68 8.83 19.33 -0.08
CA LYS C 68 9.52 18.74 -1.23
C LYS C 68 9.57 17.23 -1.09
N ILE C 69 9.07 16.51 -2.08
CA ILE C 69 9.04 15.06 -2.02
C ILE C 69 10.35 14.47 -2.55
N MET C 70 11.08 13.77 -1.68
CA MET C 70 12.38 13.20 -2.02
C MET C 70 12.24 11.76 -2.50
N GLN C 71 11.35 11.00 -1.87
CA GLN C 71 11.17 9.59 -2.19
C GLN C 71 9.74 9.18 -1.95
N VAL C 72 9.27 8.19 -2.73
CA VAL C 72 7.98 7.54 -2.52
C VAL C 72 8.21 6.04 -2.49
N ASN C 73 7.90 5.40 -1.36
CA ASN C 73 8.18 3.99 -1.18
C ASN C 73 9.58 3.62 -1.65
N GLY C 74 10.55 4.46 -1.31
CA GLY C 74 11.94 4.22 -1.64
C GLY C 74 12.38 4.66 -3.03
N TRP C 75 11.42 4.99 -3.87
N TRP C 75 11.41 5.05 -3.85
CA TRP C 75 11.71 5.44 -5.23
CA TRP C 75 11.65 5.46 -5.24
C TRP C 75 12.11 6.91 -5.24
C TRP C 75 12.06 6.93 -5.31
N ASP C 76 13.24 7.20 -5.86
CA ASP C 76 13.74 8.58 -5.92
C ASP C 76 12.83 9.50 -6.74
N MET C 77 12.48 10.64 -6.16
CA MET C 77 11.59 11.61 -6.81
C MET C 77 12.26 12.93 -7.18
N THR C 78 13.58 12.99 -7.03
CA THR C 78 14.30 14.26 -7.23
C THR C 78 14.56 14.61 -8.70
N MET C 79 14.70 13.60 -9.55
CA MET C 79 15.00 13.84 -10.96
C MET C 79 14.06 13.11 -11.90
N VAL C 80 12.76 13.26 -11.66
CA VAL C 80 11.74 12.60 -12.46
C VAL C 80 10.89 13.64 -13.18
N THR C 81 10.21 13.24 -14.25
CA THR C 81 9.24 14.12 -14.86
C THR C 81 8.01 14.26 -13.98
N HIS C 82 7.20 15.25 -14.27
CA HIS C 82 5.95 15.46 -13.58
C HIS C 82 5.06 14.21 -13.66
N ASP C 83 4.92 13.67 -14.86
CA ASP C 83 4.06 12.50 -15.06
C ASP C 83 4.61 11.26 -14.36
N GLN C 84 5.93 11.11 -14.33
CA GLN C 84 6.55 10.00 -13.63
C GLN C 84 6.23 10.07 -12.14
N ALA C 85 6.33 11.26 -11.59
CA ALA C 85 5.99 11.47 -10.17
C ALA C 85 4.53 11.14 -9.90
N ARG C 86 3.64 11.63 -10.75
N ARG C 86 3.65 11.60 -10.78
CA ARG C 86 2.22 11.33 -10.58
CA ARG C 86 2.22 11.37 -10.65
C ARG C 86 2.01 9.83 -10.58
C ARG C 86 1.86 9.89 -10.73
N LYS C 87 2.56 9.16 -11.60
CA LYS C 87 2.37 7.72 -11.75
C LYS C 87 2.87 6.95 -10.53
N ARG C 88 3.99 7.38 -9.97
N ARG C 88 3.98 7.40 -9.96
CA ARG C 88 4.55 6.71 -8.81
CA ARG C 88 4.57 6.72 -8.80
C ARG C 88 3.62 6.82 -7.60
C ARG C 88 3.71 6.88 -7.55
N LEU C 89 3.02 8.00 -7.45
CA LEU C 89 2.15 8.27 -6.32
C LEU C 89 0.79 7.57 -6.43
N THR C 90 0.40 7.22 -7.65
CA THR C 90 -0.95 6.74 -7.91
C THR C 90 -1.05 5.30 -8.42
N LYS C 91 -0.07 4.47 -8.07
CA LYS C 91 -0.17 3.06 -8.41
C LYS C 91 -1.39 2.46 -7.73
N ARG C 92 -2.31 1.94 -8.54
N ARG C 92 -2.32 1.93 -8.53
CA ARG C 92 -3.57 1.40 -8.06
CA ARG C 92 -3.58 1.43 -8.01
C ARG C 92 -3.35 0.30 -7.03
C ARG C 92 -3.43 0.18 -7.13
N SER C 93 -2.28 -0.47 -7.23
CA SER C 93 -1.99 -1.63 -6.39
C SER C 93 -1.44 -1.27 -5.02
N GLU C 94 -1.11 0.00 -4.81
CA GLU C 94 -0.52 0.43 -3.54
C GLU C 94 -1.49 1.27 -2.71
N GLU C 95 -1.90 0.73 -1.58
N GLU C 95 -1.93 0.72 -1.58
CA GLU C 95 -2.81 1.44 -0.69
CA GLU C 95 -2.81 1.44 -0.67
C GLU C 95 -2.06 2.24 0.38
C GLU C 95 -2.02 2.31 0.29
N VAL C 96 -0.81 1.88 0.63
CA VAL C 96 0.02 2.62 1.58
C VAL C 96 1.25 3.16 0.87
N VAL C 97 1.48 4.46 0.98
CA VAL C 97 2.68 5.05 0.42
C VAL C 97 3.41 5.88 1.46
N ARG C 98 4.70 5.63 1.57
CA ARG C 98 5.56 6.36 2.49
C ARG C 98 6.33 7.40 1.73
N LEU C 99 6.23 8.65 2.17
CA LEU C 99 6.95 9.74 1.54
C LEU C 99 8.03 10.26 2.46
N LEU C 100 9.21 10.43 1.89
CA LEU C 100 10.30 11.12 2.54
C LEU C 100 10.26 12.53 1.98
N VAL C 101 10.10 13.54 2.83
CA VAL C 101 10.01 14.91 2.36
C VAL C 101 10.97 15.80 3.13
N THR C 102 11.25 16.97 2.58
CA THR C 102 11.90 18.02 3.35
C THR C 102 10.97 19.23 3.44
N ARG C 103 11.07 19.92 4.57
CA ARG C 103 10.18 21.01 4.93
C ARG C 103 10.99 22.20 5.45
N GLN C 104 10.73 23.39 4.91
CA GLN C 104 11.43 24.59 5.35
C GLN C 104 11.01 24.99 6.76
N ALA D 1 -4.48 29.68 -10.57
CA ALA D 1 -3.44 28.76 -11.04
C ALA D 1 -2.45 29.47 -11.96
N ASN D 2 -1.45 28.71 -12.42
CA ASN D 2 -0.47 29.21 -13.36
C ASN D 2 -0.36 28.26 -14.55
N SER D 3 -0.82 28.72 -15.71
CA SER D 3 -0.81 27.87 -16.90
C SER D 3 0.60 27.42 -17.26
N ARG D 4 1.59 28.16 -16.76
N ARG D 4 1.60 28.15 -16.79
CA ARG D 4 2.99 27.87 -17.04
CA ARG D 4 2.99 27.82 -17.08
C ARG D 4 3.57 26.78 -16.14
C ARG D 4 3.61 26.84 -16.08
N TRP D 5 2.81 26.38 -15.13
CA TRP D 5 3.29 25.44 -14.12
C TRP D 5 2.14 24.57 -13.64
N PRO D 6 1.91 23.47 -14.35
CA PRO D 6 0.76 22.61 -14.08
C PRO D 6 0.89 21.92 -12.74
N THR D 7 -0.25 21.71 -12.09
CA THR D 7 -0.29 20.86 -10.91
C THR D 7 -1.23 19.70 -11.16
N SER D 8 -1.04 18.61 -10.42
CA SER D 8 -1.85 17.42 -10.57
C SER D 8 -2.44 17.00 -9.24
N ILE D 9 -3.72 16.66 -9.26
CA ILE D 9 -4.41 16.18 -8.09
C ILE D 9 -4.23 14.68 -8.00
N ILE D 10 -3.85 14.16 -6.83
CA ILE D 10 -3.66 12.72 -6.69
C ILE D 10 -4.26 12.21 -5.40
#